data_3BLI
#
_entry.id   3BLI
#
_cell.length_a   84.990
_cell.length_b   84.990
_cell.length_c   115.730
_cell.angle_alpha   90.000
_cell.angle_beta   90.000
_cell.angle_gamma   120.000
#
_symmetry.space_group_name_H-M   'P 31 2 1'
#
loop_
_entity.id
_entity.type
_entity.pdbx_description
1 polymer 'Citramalate synthase from Leptospira interrogans'
2 non-polymer 'ZINC ION'
3 non-polymer 'ACETYL COENZYME *A'
4 non-polymer 'PYRUVIC ACID'
5 water water
#
_entity_poly.entity_id   1
_entity_poly.type   'polypeptide(L)'
_entity_poly.pdbx_seq_one_letter_code
;GSHMGRSQKVSQMTKVETRLEILDVTLRDGEQTRGVSFSTSEKLNIAKFLLQKLNVDRVEIASARVSKGELETVQKIMEW
AATEQLTERIEILGFVDGNKTVDWIKDSGAKVLNLLTKGSLHHLEKQLGKTPKEFFTDVSFVIEYAIKSGLKINVYLEDW
SNGFRNSPDYVKSLVEHLSKEHIERIFLPDTLGVLSPEETFQGVDSLIQKYPDIHFEFHGHNDYDLSVANSLQAIRAGVK
GLHASINGLGERAGNTPLEALVTTIHDKSNSKTNINEIAITEASRLVEVFSGKRISANRPIVGEDVFTQTAGVHADGDKK
GNLYANPILPERFGRKR
;
_entity_poly.pdbx_strand_id   A
#
loop_
_chem_comp.id
_chem_comp.type
_chem_comp.name
_chem_comp.formula
ACO non-polymer 'ACETYL COENZYME *A' 'C23 H38 N7 O17 P3 S'
PYR non-polymer 'PYRUVIC ACID' 'C3 H4 O3'
ZN non-polymer 'ZINC ION' 'Zn 2'
#
# COMPACT_ATOMS: atom_id res chain seq x y z
N ARG A 19 -11.18 -12.54 -0.20
CA ARG A 19 -11.21 -12.27 -1.66
C ARG A 19 -10.59 -10.92 -2.03
N LEU A 20 -10.00 -10.25 -1.04
CA LEU A 20 -9.35 -8.96 -1.27
C LEU A 20 -8.00 -9.00 -0.57
N GLU A 21 -6.94 -8.72 -1.31
CA GLU A 21 -5.62 -8.71 -0.72
C GLU A 21 -5.42 -7.37 -0.05
N ILE A 22 -4.62 -7.35 1.00
CA ILE A 22 -4.32 -6.12 1.72
C ILE A 22 -2.81 -5.93 1.76
N LEU A 23 -2.33 -4.83 1.21
CA LEU A 23 -0.88 -4.53 1.22
C LEU A 23 -0.62 -3.43 2.24
N ASP A 24 0.22 -3.73 3.23
CA ASP A 24 0.52 -2.72 4.23
C ASP A 24 1.83 -2.02 3.88
N VAL A 25 1.77 -0.71 3.75
CA VAL A 25 2.94 0.08 3.38
C VAL A 25 3.40 0.92 4.55
N THR A 26 2.97 0.53 5.74
CA THR A 26 3.31 1.21 6.98
C THR A 26 4.80 1.42 7.16
N LEU A 27 5.58 0.40 6.86
CA LEU A 27 7.03 0.46 7.06
C LEU A 27 7.80 1.25 6.00
N ARG A 28 7.18 1.47 4.84
CA ARG A 28 7.85 2.22 3.79
C ARG A 28 7.22 3.60 3.61
N ASP A 29 6.05 3.64 2.99
CA ASP A 29 5.34 4.90 2.75
C ASP A 29 5.14 5.58 4.11
N GLY A 30 4.89 4.76 5.12
CA GLY A 30 4.69 5.28 6.46
C GLY A 30 5.96 5.83 7.08
N GLU A 31 7.11 5.32 6.65
CA GLU A 31 8.40 5.78 7.17
C GLU A 31 8.80 7.14 6.63
N GLN A 32 8.31 7.45 5.43
CA GLN A 32 8.60 8.72 4.76
C GLN A 32 8.10 9.92 5.57
N THR A 33 7.15 9.66 6.46
CA THR A 33 6.59 10.70 7.32
C THR A 33 7.69 11.48 8.02
N ARG A 34 7.43 12.77 8.27
CA ARG A 34 8.40 13.62 8.95
C ARG A 34 8.61 13.13 10.38
N GLY A 35 9.87 13.10 10.81
CA GLY A 35 10.17 12.67 12.16
C GLY A 35 10.00 11.20 12.47
N VAL A 36 9.74 10.39 11.45
CA VAL A 36 9.56 8.96 11.66
C VAL A 36 10.68 8.14 11.00
N SER A 37 11.24 7.23 11.77
CA SER A 37 12.30 6.36 11.29
C SER A 37 12.38 5.11 12.17
N PHE A 38 12.13 3.95 11.58
CA PHE A 38 12.16 2.70 12.32
C PHE A 38 13.53 2.03 12.33
N SER A 39 13.90 1.48 13.48
CA SER A 39 15.17 0.78 13.64
C SER A 39 14.96 -0.61 13.07
N THR A 40 16.06 -1.34 12.87
CA THR A 40 15.96 -2.69 12.32
C THR A 40 15.11 -3.55 13.23
N SER A 41 15.26 -3.37 14.54
CA SER A 41 14.51 -4.14 15.52
C SER A 41 13.01 -3.85 15.44
N GLU A 42 12.66 -2.58 15.31
CA GLU A 42 11.27 -2.16 15.23
C GLU A 42 10.60 -2.66 13.95
N LYS A 43 11.31 -2.53 12.82
CA LYS A 43 10.77 -3.00 11.54
C LYS A 43 10.54 -4.51 11.54
N LEU A 44 11.45 -5.24 12.15
CA LEU A 44 11.33 -6.69 12.20
C LEU A 44 10.11 -7.03 13.07
N ASN A 45 10.01 -6.35 14.20
CA ASN A 45 8.91 -6.55 15.14
C ASN A 45 7.57 -6.30 14.45
N ILE A 46 7.47 -5.16 13.78
CA ILE A 46 6.24 -4.78 13.10
C ILE A 46 5.94 -5.71 11.93
N ALA A 47 6.96 -6.08 11.18
CA ALA A 47 6.78 -6.98 10.05
C ALA A 47 6.20 -8.31 10.52
N LYS A 48 6.80 -8.89 11.56
CA LYS A 48 6.31 -10.15 12.09
C LYS A 48 4.86 -10.07 12.52
N PHE A 49 4.52 -9.01 13.24
CA PHE A 49 3.17 -8.81 13.74
C PHE A 49 2.12 -8.71 12.65
N LEU A 50 2.36 -7.85 11.66
CA LEU A 50 1.42 -7.66 10.56
C LEU A 50 1.17 -8.94 9.77
N LEU A 51 2.23 -9.68 9.48
CA LEU A 51 2.12 -10.92 8.71
C LEU A 51 1.56 -12.07 9.52
N GLN A 52 2.09 -12.28 10.72
CA GLN A 52 1.64 -13.40 11.55
C GLN A 52 0.41 -13.13 12.41
N LYS A 53 0.36 -11.98 13.09
CA LYS A 53 -0.78 -11.67 13.94
C LYS A 53 -1.95 -10.98 13.26
N LEU A 54 -1.71 -9.82 12.66
CA LEU A 54 -2.76 -9.07 11.98
C LEU A 54 -3.19 -9.80 10.72
N ASN A 55 -2.28 -10.57 10.15
CA ASN A 55 -2.51 -11.36 8.96
C ASN A 55 -2.77 -10.54 7.69
N VAL A 56 -1.92 -9.55 7.42
CA VAL A 56 -2.08 -8.78 6.18
C VAL A 56 -1.37 -9.62 5.15
N ASP A 57 -1.93 -9.70 3.95
CA ASP A 57 -1.36 -10.50 2.89
C ASP A 57 0.12 -10.24 2.61
N ARG A 58 0.49 -8.98 2.45
CA ARG A 58 1.88 -8.63 2.17
C ARG A 58 2.26 -7.32 2.86
N VAL A 59 3.55 -7.05 2.95
CA VAL A 59 4.02 -5.80 3.56
C VAL A 59 5.10 -5.17 2.71
N GLU A 60 5.07 -3.85 2.59
CA GLU A 60 6.05 -3.11 1.83
C GLU A 60 6.94 -2.49 2.89
N ILE A 61 8.07 -3.11 3.15
CA ILE A 61 8.97 -2.65 4.20
C ILE A 61 10.03 -1.63 3.85
N ALA A 62 10.28 -1.40 2.57
CA ALA A 62 11.32 -0.42 2.22
C ALA A 62 11.44 0.01 0.76
N SER A 63 12.31 0.99 0.54
CA SER A 63 12.59 1.54 -0.78
C SER A 63 14.05 1.17 -1.06
N ALA A 64 14.30 0.63 -2.25
CA ALA A 64 15.66 0.24 -2.61
C ALA A 64 16.56 1.44 -2.80
N ARG A 65 17.86 1.21 -2.60
CA ARG A 65 18.87 2.25 -2.76
C ARG A 65 18.77 3.40 -1.77
N VAL A 66 17.90 3.27 -0.77
CA VAL A 66 17.76 4.32 0.23
C VAL A 66 19.08 4.51 0.95
N SER A 67 19.68 3.40 1.39
CA SER A 67 20.96 3.44 2.10
C SER A 67 21.35 2.09 2.64
N LYS A 68 22.56 2.00 3.18
CA LYS A 68 23.04 0.77 3.78
C LYS A 68 22.43 0.81 5.18
N GLY A 69 22.22 -0.36 5.76
CA GLY A 69 21.59 -0.40 7.07
C GLY A 69 20.15 -0.75 6.73
N GLU A 70 19.56 0.01 5.82
CA GLU A 70 18.21 -0.27 5.37
C GLU A 70 18.31 -1.56 4.57
N LEU A 71 19.50 -1.77 3.99
CA LEU A 71 19.77 -2.95 3.20
C LEU A 71 19.93 -4.09 4.20
N GLU A 72 20.68 -3.83 5.26
CA GLU A 72 20.92 -4.81 6.31
C GLU A 72 19.56 -5.21 6.89
N THR A 73 18.75 -4.20 7.21
CA THR A 73 17.44 -4.41 7.79
C THR A 73 16.60 -5.36 6.95
N VAL A 74 16.56 -5.14 5.64
CA VAL A 74 15.76 -6.01 4.77
C VAL A 74 16.31 -7.42 4.76
N GLN A 75 17.63 -7.55 4.89
CA GLN A 75 18.29 -8.86 4.89
C GLN A 75 17.91 -9.68 6.11
N LYS A 76 17.84 -9.03 7.26
CA LYS A 76 17.46 -9.71 8.49
C LYS A 76 16.01 -10.17 8.37
N ILE A 77 15.15 -9.29 7.88
CA ILE A 77 13.74 -9.65 7.74
C ILE A 77 13.57 -10.80 6.76
N MET A 78 14.42 -10.83 5.71
CA MET A 78 14.33 -11.89 4.73
C MET A 78 14.89 -13.16 5.34
N GLU A 79 15.90 -13.01 6.19
CA GLU A 79 16.49 -14.18 6.87
C GLU A 79 15.38 -14.80 7.68
N TRP A 80 14.65 -13.98 8.43
CA TRP A 80 13.54 -14.43 9.24
C TRP A 80 12.39 -14.95 8.37
N ALA A 81 11.91 -14.11 7.46
CA ALA A 81 10.80 -14.49 6.58
C ALA A 81 11.01 -15.84 5.89
N ALA A 82 12.26 -16.15 5.58
CA ALA A 82 12.60 -17.42 4.92
C ALA A 82 12.34 -18.52 5.92
N THR A 83 12.81 -18.30 7.14
CA THR A 83 12.63 -19.23 8.25
C THR A 83 11.16 -19.60 8.41
N GLU A 84 10.27 -18.68 8.02
CA GLU A 84 8.84 -18.90 8.18
C GLU A 84 8.03 -19.12 6.89
N GLN A 85 8.71 -19.33 5.78
CA GLN A 85 8.03 -19.55 4.49
C GLN A 85 7.16 -18.36 4.10
N LEU A 86 7.64 -17.15 4.34
CA LEU A 86 6.89 -15.93 4.03
C LEU A 86 7.58 -14.95 3.10
N THR A 87 8.77 -15.31 2.63
CA THR A 87 9.55 -14.45 1.73
C THR A 87 8.75 -13.81 0.59
N GLU A 88 7.81 -14.56 0.03
CA GLU A 88 6.99 -14.06 -1.09
C GLU A 88 5.97 -13.00 -0.64
N ARG A 89 5.90 -12.75 0.66
CA ARG A 89 4.96 -11.76 1.19
C ARG A 89 5.59 -10.40 1.52
N ILE A 90 6.88 -10.27 1.26
CA ILE A 90 7.56 -9.01 1.53
C ILE A 90 7.84 -8.32 0.21
N GLU A 91 7.57 -7.02 0.14
CA GLU A 91 7.78 -6.27 -1.11
C GLU A 91 8.62 -5.02 -0.93
N ILE A 92 9.43 -4.70 -1.94
CA ILE A 92 10.31 -3.54 -1.92
C ILE A 92 10.00 -2.51 -3.01
N LEU A 93 9.92 -1.24 -2.63
CA LEU A 93 9.66 -0.18 -3.58
C LEU A 93 10.95 0.07 -4.35
N GLY A 94 10.86 -0.04 -5.67
CA GLY A 94 12.02 0.16 -6.51
C GLY A 94 11.77 1.22 -7.57
N PHE A 95 12.81 1.52 -8.34
CA PHE A 95 12.69 2.55 -9.36
C PHE A 95 13.20 2.11 -10.71
N VAL A 96 12.89 2.90 -11.74
CA VAL A 96 13.33 2.61 -13.10
C VAL A 96 14.71 3.21 -13.32
N ASP A 97 15.73 2.54 -12.77
CA ASP A 97 17.10 3.03 -12.86
C ASP A 97 18.06 2.07 -13.56
N GLY A 98 17.51 1.17 -14.38
CA GLY A 98 18.35 0.22 -15.08
C GLY A 98 18.59 -1.04 -14.30
N ASN A 99 19.76 -1.13 -13.68
CA ASN A 99 20.14 -2.32 -12.90
C ASN A 99 20.31 -2.06 -11.40
N LYS A 100 20.42 -0.79 -11.01
CA LYS A 100 20.64 -0.43 -9.61
C LYS A 100 19.60 -0.93 -8.59
N THR A 101 18.32 -0.74 -8.90
CA THR A 101 17.26 -1.18 -8.01
C THR A 101 17.21 -2.68 -7.89
N VAL A 102 17.25 -3.37 -9.02
CA VAL A 102 17.19 -4.83 -9.04
C VAL A 102 18.37 -5.47 -8.34
N ASP A 103 19.55 -4.86 -8.49
CA ASP A 103 20.74 -5.38 -7.84
C ASP A 103 20.57 -5.27 -6.34
N TRP A 104 20.17 -4.10 -5.88
CA TRP A 104 19.96 -3.81 -4.46
C TRP A 104 18.96 -4.79 -3.86
N ILE A 105 17.83 -4.97 -4.52
CA ILE A 105 16.81 -5.89 -4.02
C ILE A 105 17.32 -7.32 -4.11
N LYS A 106 18.21 -7.57 -5.06
CA LYS A 106 18.77 -8.90 -5.27
C LYS A 106 19.61 -9.27 -4.05
N ASP A 107 20.41 -8.32 -3.57
CA ASP A 107 21.28 -8.55 -2.41
C ASP A 107 20.50 -8.49 -1.10
N SER A 108 19.45 -7.69 -1.07
CA SER A 108 18.63 -7.54 0.13
C SER A 108 18.08 -8.86 0.62
N GLY A 109 17.72 -9.73 -0.33
CA GLY A 109 17.15 -11.01 0.01
C GLY A 109 15.70 -11.06 -0.43
N ALA A 110 15.11 -9.87 -0.60
CA ALA A 110 13.73 -9.76 -1.01
C ALA A 110 13.52 -10.39 -2.40
N LYS A 111 12.32 -10.89 -2.64
CA LYS A 111 11.98 -11.53 -3.90
C LYS A 111 10.89 -10.82 -4.69
N VAL A 112 10.43 -9.67 -4.18
CA VAL A 112 9.38 -8.94 -4.87
C VAL A 112 9.70 -7.45 -4.97
N LEU A 113 9.50 -6.91 -6.18
CA LEU A 113 9.77 -5.51 -6.47
C LEU A 113 8.49 -4.80 -6.90
N ASN A 114 8.19 -3.66 -6.27
CA ASN A 114 7.03 -2.87 -6.65
C ASN A 114 7.65 -1.69 -7.42
N LEU A 115 7.59 -1.76 -8.75
CA LEU A 115 8.19 -0.74 -9.59
C LEU A 115 7.43 0.57 -9.64
N LEU A 116 8.17 1.66 -9.43
CA LEU A 116 7.58 2.99 -9.47
C LEU A 116 7.68 3.57 -10.89
N THR A 117 6.55 3.67 -11.59
CA THR A 117 6.57 4.24 -12.94
C THR A 117 5.70 5.51 -12.96
N LYS A 118 5.88 6.33 -14.00
CA LYS A 118 5.11 7.57 -14.13
C LYS A 118 3.72 7.33 -14.68
N GLY A 119 2.71 7.58 -13.85
CA GLY A 119 1.33 7.37 -14.24
C GLY A 119 0.68 8.57 -14.88
N SER A 120 1.40 9.68 -14.98
CA SER A 120 0.88 10.90 -15.61
C SER A 120 1.88 11.48 -16.63
N LEU A 121 1.37 11.89 -17.78
CA LEU A 121 2.22 12.46 -18.82
C LEU A 121 2.92 13.70 -18.27
N HIS A 122 2.27 14.36 -17.32
CA HIS A 122 2.83 15.57 -16.71
C HIS A 122 4.09 15.26 -15.94
N HIS A 123 4.08 14.18 -15.16
CA HIS A 123 5.24 13.76 -14.37
C HIS A 123 6.37 13.23 -15.23
N LEU A 124 6.04 12.43 -16.23
CA LEU A 124 7.03 11.86 -17.14
C LEU A 124 7.87 12.95 -17.80
N GLU A 125 7.20 13.99 -18.29
CA GLU A 125 7.87 15.08 -18.98
C GLU A 125 8.60 16.06 -18.07
N LYS A 126 7.98 16.43 -16.95
CA LYS A 126 8.59 17.40 -16.05
C LYS A 126 9.71 16.86 -15.17
N GLN A 127 9.78 15.54 -15.03
CA GLN A 127 10.84 14.92 -14.21
C GLN A 127 11.86 14.19 -15.06
N LEU A 128 11.38 13.42 -16.03
CA LEU A 128 12.26 12.66 -16.88
C LEU A 128 12.54 13.35 -18.20
N GLY A 129 11.51 14.00 -18.76
CA GLY A 129 11.70 14.66 -20.03
C GLY A 129 11.94 13.57 -21.05
N LYS A 130 11.14 12.52 -20.98
CA LYS A 130 11.25 11.39 -21.90
C LYS A 130 9.97 11.19 -22.68
N THR A 131 10.03 10.27 -23.63
CA THR A 131 8.90 9.94 -24.47
C THR A 131 8.20 8.70 -23.96
N PRO A 132 6.88 8.60 -24.16
CA PRO A 132 6.22 7.39 -23.69
C PRO A 132 6.94 6.16 -24.23
N LYS A 133 7.48 6.26 -25.45
CA LYS A 133 8.21 5.15 -26.05
C LYS A 133 9.52 4.87 -25.33
N GLU A 134 10.33 5.91 -25.16
CA GLU A 134 11.62 5.78 -24.48
C GLU A 134 11.44 5.18 -23.10
N PHE A 135 10.58 5.82 -22.30
CA PHE A 135 10.29 5.40 -20.94
C PHE A 135 9.79 3.97 -20.86
N PHE A 136 8.96 3.55 -21.80
CA PHE A 136 8.45 2.19 -21.79
C PHE A 136 9.58 1.20 -22.00
N THR A 137 10.60 1.61 -22.74
CA THR A 137 11.76 0.76 -23.01
C THR A 137 12.57 0.62 -21.73
N ASP A 138 12.71 1.71 -20.99
CA ASP A 138 13.43 1.69 -19.72
C ASP A 138 12.68 0.79 -18.74
N VAL A 139 11.36 0.87 -18.78
CA VAL A 139 10.51 0.07 -17.90
C VAL A 139 10.68 -1.40 -18.24
N SER A 140 10.53 -1.73 -19.52
CA SER A 140 10.67 -3.11 -20.00
C SER A 140 12.02 -3.71 -19.65
N PHE A 141 13.05 -2.88 -19.61
CA PHE A 141 14.38 -3.37 -19.25
C PHE A 141 14.32 -3.85 -17.80
N VAL A 142 13.94 -2.94 -16.89
CA VAL A 142 13.85 -3.25 -15.47
C VAL A 142 13.02 -4.50 -15.17
N ILE A 143 11.85 -4.61 -15.77
CA ILE A 143 11.02 -5.78 -15.54
C ILE A 143 11.75 -6.99 -16.09
N GLU A 144 12.35 -6.80 -17.25
CA GLU A 144 13.12 -7.84 -17.93
C GLU A 144 14.26 -8.31 -17.03
N TYR A 145 15.08 -7.37 -16.61
CA TYR A 145 16.21 -7.67 -15.76
C TYR A 145 15.80 -8.19 -14.38
N ALA A 146 14.66 -7.72 -13.87
CA ALA A 146 14.16 -8.16 -12.56
C ALA A 146 13.77 -9.63 -12.63
N ILE A 147 13.02 -9.99 -13.66
CA ILE A 147 12.59 -11.37 -13.83
C ILE A 147 13.83 -12.25 -13.97
N LYS A 148 14.74 -11.82 -14.82
CA LYS A 148 15.99 -12.52 -15.09
C LYS A 148 16.75 -12.75 -13.78
N SER A 149 16.53 -11.86 -12.81
CA SER A 149 17.20 -11.96 -11.52
C SER A 149 16.39 -12.68 -10.43
N GLY A 150 15.34 -13.38 -10.81
CA GLY A 150 14.55 -14.14 -9.85
C GLY A 150 13.51 -13.40 -9.04
N LEU A 151 13.24 -12.15 -9.41
CA LEU A 151 12.26 -11.35 -8.68
C LEU A 151 10.90 -11.37 -9.38
N LYS A 152 9.88 -10.93 -8.64
CA LYS A 152 8.54 -10.81 -9.19
C LYS A 152 8.26 -9.31 -9.22
N ILE A 153 7.36 -8.86 -10.10
CA ILE A 153 7.11 -7.43 -10.21
C ILE A 153 5.66 -6.93 -10.15
N ASN A 154 5.45 -5.86 -9.39
CA ASN A 154 4.15 -5.19 -9.26
C ASN A 154 4.50 -3.79 -9.75
N VAL A 155 3.60 -3.13 -10.45
CA VAL A 155 3.94 -1.79 -10.93
C VAL A 155 3.01 -0.68 -10.46
N TYR A 156 3.62 0.36 -9.91
CA TYR A 156 2.91 1.53 -9.41
C TYR A 156 2.78 2.56 -10.54
N LEU A 157 1.56 3.04 -10.78
CA LEU A 157 1.38 4.07 -11.79
C LEU A 157 1.30 5.37 -11.01
N GLU A 158 2.44 5.84 -10.55
CA GLU A 158 2.50 7.06 -9.75
C GLU A 158 1.76 8.22 -10.40
N ASP A 159 1.01 8.96 -9.57
CA ASP A 159 0.23 10.11 -10.01
C ASP A 159 -0.92 9.71 -10.93
N TRP A 160 -1.26 8.43 -10.92
CA TRP A 160 -2.35 7.93 -11.75
C TRP A 160 -3.65 8.73 -11.55
N SER A 161 -3.88 9.20 -10.32
CA SER A 161 -5.09 9.97 -10.02
C SER A 161 -5.19 11.24 -10.86
N ASN A 162 -4.04 11.83 -11.19
CA ASN A 162 -4.04 13.03 -12.03
C ASN A 162 -3.90 12.61 -13.49
N GLY A 163 -3.19 11.52 -13.71
CA GLY A 163 -2.97 11.02 -15.05
C GLY A 163 -4.19 10.55 -15.80
N PHE A 164 -5.13 9.89 -15.13
CA PHE A 164 -6.31 9.42 -15.85
C PHE A 164 -7.36 10.51 -16.07
N ARG A 165 -7.12 11.68 -15.48
CA ARG A 165 -8.04 12.79 -15.60
C ARG A 165 -7.50 13.87 -16.55
N ASN A 166 -6.21 13.83 -16.85
CA ASN A 166 -5.62 14.83 -17.72
C ASN A 166 -4.92 14.22 -18.93
N SER A 167 -4.19 13.14 -18.72
CA SER A 167 -3.49 12.46 -19.79
C SER A 167 -3.98 11.02 -19.87
N PRO A 168 -5.30 10.83 -20.04
CA PRO A 168 -5.90 9.50 -20.13
C PRO A 168 -5.32 8.62 -21.23
N ASP A 169 -4.80 9.24 -22.28
CA ASP A 169 -4.20 8.46 -23.37
C ASP A 169 -2.89 7.83 -22.93
N TYR A 170 -1.99 8.65 -22.38
CA TYR A 170 -0.71 8.16 -21.91
C TYR A 170 -0.91 6.99 -20.98
N VAL A 171 -1.89 7.14 -20.08
CA VAL A 171 -2.21 6.12 -19.09
C VAL A 171 -2.70 4.82 -19.70
N LYS A 172 -3.49 4.92 -20.77
CA LYS A 172 -4.03 3.73 -21.41
C LYS A 172 -2.95 2.96 -22.16
N SER A 173 -1.96 3.68 -22.70
CA SER A 173 -0.88 3.02 -23.42
C SER A 173 0.10 2.40 -22.43
N LEU A 174 0.31 3.08 -21.30
CA LEU A 174 1.20 2.60 -20.25
C LEU A 174 0.67 1.27 -19.73
N VAL A 175 -0.64 1.20 -19.52
CA VAL A 175 -1.26 -0.03 -19.03
C VAL A 175 -1.21 -1.05 -20.15
N GLU A 176 -1.45 -0.58 -21.38
CA GLU A 176 -1.42 -1.44 -22.55
C GLU A 176 -0.04 -2.09 -22.64
N HIS A 177 1.00 -1.32 -22.37
CA HIS A 177 2.36 -1.82 -22.40
C HIS A 177 2.64 -2.81 -21.27
N LEU A 178 2.21 -2.46 -20.06
CA LEU A 178 2.42 -3.33 -18.91
C LEU A 178 1.66 -4.65 -19.01
N SER A 179 0.60 -4.67 -19.80
CA SER A 179 -0.18 -5.90 -19.97
C SER A 179 0.58 -6.91 -20.82
N LYS A 180 1.51 -6.43 -21.64
CA LYS A 180 2.30 -7.29 -22.50
C LYS A 180 3.57 -7.72 -21.75
N GLU A 181 3.65 -7.31 -20.48
CA GLU A 181 4.80 -7.62 -19.65
C GLU A 181 4.39 -8.67 -18.62
N HIS A 182 5.36 -9.36 -18.01
CA HIS A 182 5.06 -10.38 -17.03
C HIS A 182 5.16 -9.89 -15.60
N ILE A 183 4.21 -9.06 -15.21
CA ILE A 183 4.16 -8.49 -13.88
C ILE A 183 3.01 -9.10 -13.09
N GLU A 184 3.12 -9.05 -11.77
CA GLU A 184 2.09 -9.63 -10.90
C GLU A 184 0.85 -8.77 -10.79
N ARG A 185 1.04 -7.50 -10.51
CA ARG A 185 -0.09 -6.59 -10.33
C ARG A 185 0.25 -5.19 -10.79
N ILE A 186 -0.81 -4.40 -10.98
CA ILE A 186 -0.67 -3.01 -11.36
C ILE A 186 -1.36 -2.24 -10.23
N PHE A 187 -0.68 -1.23 -9.70
CA PHE A 187 -1.19 -0.43 -8.61
C PHE A 187 -1.67 0.93 -9.10
N LEU A 188 -2.89 1.30 -8.68
CA LEU A 188 -3.49 2.58 -9.05
C LEU A 188 -3.50 3.48 -7.81
N PRO A 189 -2.48 4.33 -7.68
CA PRO A 189 -2.40 5.22 -6.52
C PRO A 189 -2.90 6.64 -6.69
N ASP A 190 -3.56 7.14 -5.63
CA ASP A 190 -4.03 8.51 -5.62
C ASP A 190 -2.88 9.23 -4.93
N THR A 191 -1.71 9.14 -5.54
CA THR A 191 -0.47 9.72 -5.04
C THR A 191 -0.61 11.03 -4.26
N LEU A 192 -1.29 12.00 -4.84
CA LEU A 192 -1.48 13.30 -4.20
C LEU A 192 -2.77 13.37 -3.40
N GLY A 193 -3.50 12.26 -3.34
CA GLY A 193 -4.76 12.18 -2.60
C GLY A 193 -5.77 13.25 -2.96
N VAL A 194 -6.09 13.34 -4.24
CA VAL A 194 -7.03 14.35 -4.73
C VAL A 194 -8.35 13.85 -5.29
N LEU A 195 -8.59 12.53 -5.22
CA LEU A 195 -9.83 11.98 -5.77
C LEU A 195 -11.03 11.94 -4.82
N SER A 196 -12.22 11.99 -5.40
CA SER A 196 -13.47 11.90 -4.66
C SER A 196 -13.88 10.46 -4.92
N PRO A 197 -14.81 9.91 -4.13
CA PRO A 197 -15.19 8.52 -4.38
C PRO A 197 -15.77 8.27 -5.77
N GLU A 198 -16.54 9.22 -6.29
CA GLU A 198 -17.12 9.07 -7.61
C GLU A 198 -16.00 8.96 -8.65
N GLU A 199 -15.00 9.82 -8.52
CA GLU A 199 -13.85 9.83 -9.43
C GLU A 199 -13.06 8.53 -9.34
N THR A 200 -12.79 8.07 -8.13
CA THR A 200 -12.04 6.83 -7.94
C THR A 200 -12.73 5.68 -8.67
N PHE A 201 -14.06 5.66 -8.62
CA PHE A 201 -14.82 4.62 -9.30
C PHE A 201 -14.65 4.69 -10.81
N GLN A 202 -14.74 5.90 -11.35
CA GLN A 202 -14.59 6.10 -12.79
C GLN A 202 -13.23 5.63 -13.30
N GLY A 203 -12.15 6.20 -12.78
CA GLY A 203 -10.82 5.81 -13.21
C GLY A 203 -10.55 4.32 -13.10
N VAL A 204 -10.96 3.72 -11.98
CA VAL A 204 -10.75 2.29 -11.78
C VAL A 204 -11.63 1.44 -12.70
N ASP A 205 -12.91 1.79 -12.82
CA ASP A 205 -13.82 1.05 -13.68
C ASP A 205 -13.30 1.10 -15.11
N SER A 206 -12.81 2.27 -15.50
CA SER A 206 -12.26 2.48 -16.83
C SER A 206 -11.24 1.42 -17.20
N LEU A 207 -10.27 1.20 -16.30
CA LEU A 207 -9.22 0.22 -16.52
C LEU A 207 -9.65 -1.23 -16.39
N ILE A 208 -10.42 -1.54 -15.36
CA ILE A 208 -10.86 -2.91 -15.16
C ILE A 208 -11.69 -3.43 -16.32
N GLN A 209 -12.42 -2.55 -17.00
CA GLN A 209 -13.24 -2.97 -18.12
C GLN A 209 -12.47 -3.20 -19.40
N LYS A 210 -11.27 -2.64 -19.50
CA LYS A 210 -10.43 -2.82 -20.68
C LYS A 210 -9.47 -3.99 -20.45
N TYR A 211 -9.14 -4.22 -19.19
CA TYR A 211 -8.21 -5.30 -18.83
C TYR A 211 -8.81 -6.15 -17.71
N PRO A 212 -9.83 -6.96 -18.04
CA PRO A 212 -10.51 -7.84 -17.08
C PRO A 212 -9.63 -8.93 -16.49
N ASP A 213 -8.44 -9.10 -17.05
CA ASP A 213 -7.54 -10.16 -16.59
C ASP A 213 -6.30 -9.70 -15.83
N ILE A 214 -6.29 -8.44 -15.40
CA ILE A 214 -5.17 -7.91 -14.64
C ILE A 214 -5.58 -7.63 -13.21
N HIS A 215 -4.65 -7.89 -12.28
CA HIS A 215 -4.90 -7.66 -10.86
C HIS A 215 -4.53 -6.22 -10.51
N PHE A 216 -5.55 -5.40 -10.27
CA PHE A 216 -5.34 -4.00 -9.90
C PHE A 216 -5.61 -3.82 -8.41
N GLU A 217 -4.89 -2.89 -7.80
CA GLU A 217 -5.07 -2.58 -6.39
C GLU A 217 -5.11 -1.07 -6.22
N PHE A 218 -6.04 -0.58 -5.41
CA PHE A 218 -6.11 0.87 -5.18
C PHE A 218 -5.22 1.24 -4.00
N HIS A 219 -4.61 2.43 -4.08
CA HIS A 219 -3.70 2.93 -3.07
C HIS A 219 -4.04 4.39 -2.81
N GLY A 220 -4.95 4.63 -1.87
CA GLY A 220 -5.35 6.00 -1.61
C GLY A 220 -4.58 6.74 -0.54
N HIS A 221 -4.73 8.06 -0.55
CA HIS A 221 -4.10 8.92 0.45
C HIS A 221 -5.25 9.71 1.05
N ASN A 222 -5.10 10.11 2.31
CA ASN A 222 -6.17 10.80 3.02
C ASN A 222 -6.19 12.32 3.09
N ASP A 223 -5.73 12.99 2.04
CA ASP A 223 -5.67 14.44 2.04
C ASP A 223 -7.00 15.17 2.28
N TYR A 224 -8.10 14.56 1.88
CA TYR A 224 -9.42 15.14 2.07
C TYR A 224 -10.25 14.26 3.02
N ASP A 225 -9.60 13.30 3.66
CA ASP A 225 -10.29 12.39 4.56
C ASP A 225 -11.35 11.62 3.75
N LEU A 226 -10.94 11.12 2.59
CA LEU A 226 -11.83 10.36 1.69
C LEU A 226 -11.22 9.03 1.26
N SER A 227 -10.02 8.75 1.74
CA SER A 227 -9.31 7.53 1.37
C SER A 227 -10.05 6.21 1.58
N VAL A 228 -10.72 5.99 2.71
CA VAL A 228 -11.41 4.70 2.82
C VAL A 228 -12.71 4.70 2.02
N ALA A 229 -13.30 5.88 1.82
CA ALA A 229 -14.51 5.99 1.02
C ALA A 229 -14.10 5.72 -0.42
N ASN A 230 -12.98 6.31 -0.84
CA ASN A 230 -12.46 6.12 -2.18
C ASN A 230 -12.19 4.62 -2.35
N SER A 231 -11.53 4.03 -1.36
CA SER A 231 -11.19 2.63 -1.38
C SER A 231 -12.42 1.75 -1.59
N LEU A 232 -13.54 2.14 -1.00
CA LEU A 232 -14.77 1.36 -1.14
C LEU A 232 -15.25 1.38 -2.60
N GLN A 233 -15.19 2.55 -3.22
CA GLN A 233 -15.61 2.68 -4.60
C GLN A 233 -14.68 1.89 -5.53
N ALA A 234 -13.41 1.82 -5.17
CA ALA A 234 -12.43 1.08 -5.96
C ALA A 234 -12.83 -0.39 -5.91
N ILE A 235 -13.29 -0.81 -4.74
CA ILE A 235 -13.73 -2.19 -4.58
C ILE A 235 -14.94 -2.42 -5.49
N ARG A 236 -15.79 -1.42 -5.64
CA ARG A 236 -16.94 -1.53 -6.53
C ARG A 236 -16.47 -1.65 -7.97
N ALA A 237 -15.56 -0.76 -8.37
CA ALA A 237 -15.02 -0.76 -9.72
C ALA A 237 -14.36 -2.09 -10.11
N GLY A 238 -14.05 -2.92 -9.12
CA GLY A 238 -13.45 -4.22 -9.44
C GLY A 238 -11.99 -4.41 -9.06
N VAL A 239 -11.52 -3.68 -8.06
CA VAL A 239 -10.14 -3.81 -7.61
C VAL A 239 -9.99 -5.15 -6.86
N LYS A 240 -8.80 -5.75 -6.89
CA LYS A 240 -8.59 -7.02 -6.21
C LYS A 240 -7.71 -6.90 -4.98
N GLY A 241 -7.29 -5.67 -4.67
CA GLY A 241 -6.45 -5.47 -3.51
C GLY A 241 -6.43 -4.01 -3.12
N LEU A 242 -6.03 -3.74 -1.88
CA LEU A 242 -5.97 -2.38 -1.40
C LEU A 242 -4.72 -2.15 -0.56
N HIS A 243 -4.22 -0.92 -0.59
CA HIS A 243 -3.04 -0.52 0.16
C HIS A 243 -3.50 0.31 1.35
N ALA A 244 -2.79 0.20 2.47
CA ALA A 244 -3.14 0.95 3.66
C ALA A 244 -1.99 0.94 4.66
N SER A 245 -2.00 1.88 5.59
CA SER A 245 -0.95 1.94 6.61
C SER A 245 -1.61 2.04 7.98
N ILE A 246 -0.95 1.51 9.00
CA ILE A 246 -1.49 1.56 10.37
C ILE A 246 -1.52 3.00 10.84
N ASN A 247 -2.65 3.39 11.41
CA ASN A 247 -2.84 4.73 11.93
C ASN A 247 -2.71 5.72 10.80
N GLY A 248 -2.92 5.24 9.59
CA GLY A 248 -2.84 6.13 8.45
C GLY A 248 -1.49 6.81 8.35
N LEU A 249 -0.43 6.15 8.82
CA LEU A 249 0.90 6.72 8.74
C LEU A 249 1.27 6.95 7.27
N GLY A 250 1.97 8.04 6.99
CA GLY A 250 2.31 8.36 5.62
C GLY A 250 2.88 9.75 5.53
N GLU A 251 3.37 10.14 4.34
CA GLU A 251 3.96 11.46 4.17
C GLU A 251 3.14 12.69 4.57
N ARG A 252 2.01 12.94 3.91
CA ARG A 252 1.20 14.11 4.24
C ARG A 252 0.11 13.80 5.30
N ALA A 253 -1.07 13.44 4.84
CA ALA A 253 -2.18 13.08 5.73
C ALA A 253 -2.09 11.58 5.91
N GLY A 254 -1.08 11.00 5.27
CA GLY A 254 -0.83 9.57 5.35
C GLY A 254 -1.60 8.78 4.33
N ASN A 255 -1.51 7.47 4.40
CA ASN A 255 -2.22 6.57 3.49
C ASN A 255 -3.59 6.24 4.08
N THR A 256 -4.33 5.42 3.36
CA THR A 256 -5.62 4.99 3.83
C THR A 256 -5.37 4.32 5.18
N PRO A 257 -6.15 4.69 6.21
CA PRO A 257 -5.97 4.09 7.54
C PRO A 257 -6.44 2.64 7.59
N LEU A 258 -5.48 1.72 7.66
CA LEU A 258 -5.73 0.28 7.69
C LEU A 258 -6.88 -0.15 8.62
N GLU A 259 -6.84 0.26 9.88
CA GLU A 259 -7.88 -0.14 10.83
C GLU A 259 -9.32 0.19 10.44
N ALA A 260 -9.55 1.37 9.88
CA ALA A 260 -10.89 1.77 9.47
C ALA A 260 -11.30 1.14 8.13
N LEU A 261 -10.32 0.94 7.25
CA LEU A 261 -10.56 0.36 5.93
C LEU A 261 -11.13 -1.05 6.07
N VAL A 262 -10.40 -1.89 6.79
CA VAL A 262 -10.79 -3.27 7.01
C VAL A 262 -12.16 -3.38 7.68
N THR A 263 -12.35 -2.65 8.77
CA THR A 263 -13.61 -2.68 9.47
C THR A 263 -14.73 -2.28 8.50
N THR A 264 -14.46 -1.24 7.71
CA THR A 264 -15.44 -0.77 6.74
C THR A 264 -15.69 -1.80 5.63
N ILE A 265 -14.64 -2.50 5.21
CA ILE A 265 -14.78 -3.52 4.18
C ILE A 265 -15.64 -4.66 4.72
N HIS A 266 -15.38 -5.04 5.96
CA HIS A 266 -16.13 -6.13 6.57
C HIS A 266 -17.60 -5.82 6.80
N ASP A 267 -17.90 -4.63 7.32
CA ASP A 267 -19.29 -4.26 7.63
C ASP A 267 -20.10 -3.54 6.55
N LYS A 268 -19.42 -2.90 5.61
CA LYS A 268 -20.15 -2.13 4.61
C LYS A 268 -19.95 -2.58 3.17
N SER A 269 -19.40 -3.78 2.99
CA SER A 269 -19.19 -4.30 1.64
C SER A 269 -19.33 -5.82 1.64
N ASN A 270 -19.68 -6.37 0.49
CA ASN A 270 -19.85 -7.80 0.37
C ASN A 270 -18.52 -8.53 0.18
N SER A 271 -17.43 -7.76 0.14
CA SER A 271 -16.10 -8.36 -0.01
C SER A 271 -15.51 -8.72 1.34
N LYS A 272 -14.50 -9.57 1.33
CA LYS A 272 -13.86 -9.99 2.56
C LYS A 272 -12.37 -9.67 2.61
N THR A 273 -11.76 -10.00 3.74
CA THR A 273 -10.35 -9.75 3.98
C THR A 273 -9.86 -10.85 4.90
N ASN A 274 -8.56 -11.13 4.86
CA ASN A 274 -7.99 -12.16 5.73
C ASN A 274 -7.44 -11.60 7.02
N ILE A 275 -7.66 -10.31 7.26
CA ILE A 275 -7.16 -9.66 8.47
C ILE A 275 -7.86 -10.15 9.72
N ASN A 276 -7.10 -10.33 10.79
CA ASN A 276 -7.66 -10.73 12.06
C ASN A 276 -8.01 -9.45 12.80
N GLU A 277 -9.30 -9.10 12.80
CA GLU A 277 -9.74 -7.88 13.47
C GLU A 277 -9.24 -7.73 14.90
N ILE A 278 -9.02 -8.86 15.58
CA ILE A 278 -8.57 -8.86 16.97
C ILE A 278 -7.18 -8.30 17.23
N ALA A 279 -6.28 -8.41 16.25
CA ALA A 279 -4.92 -7.90 16.42
C ALA A 279 -4.81 -6.42 16.04
N ILE A 280 -5.93 -5.82 15.63
CA ILE A 280 -5.96 -4.43 15.21
C ILE A 280 -5.55 -3.38 16.23
N THR A 281 -5.95 -3.55 17.48
CA THR A 281 -5.59 -2.56 18.49
C THR A 281 -4.10 -2.62 18.82
N GLU A 282 -3.52 -3.83 18.86
CA GLU A 282 -2.11 -3.97 19.18
C GLU A 282 -1.22 -3.49 18.04
N ALA A 283 -1.67 -3.69 16.79
CA ALA A 283 -0.90 -3.25 15.63
C ALA A 283 -0.76 -1.74 15.71
N SER A 284 -1.86 -1.09 16.08
CA SER A 284 -1.88 0.36 16.22
C SER A 284 -0.96 0.83 17.32
N ARG A 285 -1.07 0.23 18.51
CA ARG A 285 -0.22 0.64 19.63
C ARG A 285 1.24 0.46 19.27
N LEU A 286 1.53 -0.68 18.63
CA LEU A 286 2.90 -0.98 18.20
C LEU A 286 3.45 0.12 17.30
N VAL A 287 2.72 0.44 16.25
CA VAL A 287 3.15 1.46 15.31
C VAL A 287 3.22 2.83 15.94
N GLU A 288 2.26 3.15 16.80
CA GLU A 288 2.26 4.45 17.45
C GLU A 288 3.50 4.67 18.31
N VAL A 289 3.83 3.69 19.14
CA VAL A 289 4.99 3.80 20.00
C VAL A 289 6.28 3.87 19.16
N PHE A 290 6.58 2.80 18.45
CA PHE A 290 7.78 2.74 17.64
C PHE A 290 7.99 3.92 16.68
N SER A 291 6.93 4.36 16.01
CA SER A 291 7.03 5.48 15.07
C SER A 291 7.11 6.83 15.76
N GLY A 292 6.57 6.88 16.98
CA GLY A 292 6.57 8.12 17.74
C GLY A 292 5.52 9.12 17.32
N LYS A 293 4.56 8.70 16.51
CA LYS A 293 3.49 9.61 16.06
C LYS A 293 2.20 9.27 16.81
N ARG A 294 1.84 10.14 17.74
CA ARG A 294 0.64 9.95 18.56
C ARG A 294 -0.65 10.02 17.75
N ILE A 295 -1.60 9.16 18.08
CA ILE A 295 -2.90 9.20 17.42
C ILE A 295 -3.86 9.90 18.37
N SER A 296 -4.86 10.58 17.81
CA SER A 296 -5.86 11.28 18.62
C SER A 296 -6.74 10.25 19.35
N ALA A 297 -7.33 10.67 20.47
CA ALA A 297 -8.15 9.81 21.29
C ALA A 297 -9.45 9.41 20.60
N ASN A 298 -9.83 10.19 19.60
CA ASN A 298 -11.04 9.94 18.85
C ASN A 298 -10.76 9.17 17.56
N ARG A 299 -9.51 8.79 17.30
CA ARG A 299 -9.21 8.06 16.08
C ARG A 299 -10.11 6.84 15.91
N PRO A 300 -10.95 6.87 14.78
CA PRO A 300 -11.87 5.78 14.45
C PRO A 300 -11.30 4.42 14.76
N ILE A 301 -12.14 3.57 15.33
CA ILE A 301 -11.77 2.18 15.62
C ILE A 301 -10.61 1.90 16.57
N VAL A 302 -9.81 2.87 16.74
CA VAL A 302 -8.52 2.54 17.34
C VAL A 302 -8.07 3.65 18.30
N GLY A 303 -8.84 4.68 18.46
CA GLY A 303 -8.52 5.68 19.47
C GLY A 303 -8.93 5.31 20.89
N GLU A 304 -8.32 5.90 21.76
CA GLU A 304 -8.49 5.64 23.19
C GLU A 304 -9.95 5.79 23.60
N ASP A 305 -10.62 6.88 23.27
CA ASP A 305 -11.99 7.13 23.71
C ASP A 305 -13.07 6.78 22.69
N VAL A 306 -12.67 6.13 21.60
CA VAL A 306 -13.62 5.79 20.54
C VAL A 306 -14.78 4.86 20.92
N PHE A 307 -14.64 4.17 22.05
CA PHE A 307 -15.69 3.25 22.50
C PHE A 307 -16.51 3.85 23.63
N THR A 308 -16.11 5.01 24.11
CA THR A 308 -16.77 5.69 25.22
C THR A 308 -17.84 6.71 24.84
N GLN A 309 -19.03 6.49 25.38
CA GLN A 309 -20.19 7.35 25.15
C GLN A 309 -20.68 7.84 26.52
N THR A 310 -20.20 9.00 26.94
CA THR A 310 -20.56 9.56 28.24
C THR A 310 -21.94 10.23 28.27
N ALA A 311 -22.37 10.78 27.14
CA ALA A 311 -23.66 11.45 27.06
C ALA A 311 -24.80 10.53 26.62
N GLY A 312 -24.46 9.42 25.98
CA GLY A 312 -25.49 8.49 25.54
C GLY A 312 -26.29 7.95 26.71
N VAL A 313 -27.43 8.58 26.99
CA VAL A 313 -28.29 8.17 28.10
C VAL A 313 -29.67 7.74 27.61
N ASN A 322 -27.95 -1.33 25.79
CA ASN A 322 -27.39 -1.44 24.46
C ASN A 322 -28.19 -0.60 23.46
N LEU A 323 -28.76 0.49 23.93
CA LEU A 323 -29.55 1.39 23.08
C LEU A 323 -28.65 2.00 22.02
N TYR A 324 -27.47 2.42 22.42
CA TYR A 324 -26.51 3.02 21.51
C TYR A 324 -25.39 2.03 21.19
N ALA A 325 -25.78 0.81 20.82
CA ALA A 325 -24.82 -0.23 20.49
C ALA A 325 -24.34 -0.07 19.06
N ASN A 326 -23.02 0.04 18.91
CA ASN A 326 -22.40 0.21 17.59
C ASN A 326 -21.74 -1.11 17.20
N PRO A 327 -21.74 -1.42 15.89
CA PRO A 327 -21.12 -2.67 15.43
C PRO A 327 -19.62 -2.63 15.73
N ILE A 328 -19.17 -1.50 16.27
CA ILE A 328 -17.77 -1.31 16.60
C ILE A 328 -17.56 -1.45 18.11
N LEU A 329 -17.27 -2.67 18.54
CA LEU A 329 -17.08 -2.97 19.96
C LEU A 329 -15.60 -3.16 20.30
N PRO A 330 -15.20 -2.77 21.53
CA PRO A 330 -13.81 -2.88 22.01
C PRO A 330 -13.16 -4.25 21.94
N GLU A 331 -13.89 -5.29 22.30
CA GLU A 331 -13.32 -6.64 22.28
C GLU A 331 -13.23 -7.22 20.88
N ARG A 332 -13.98 -6.64 19.95
CA ARG A 332 -13.95 -7.09 18.57
C ARG A 332 -12.56 -6.84 18.00
N PHE A 333 -11.90 -5.81 18.54
CA PHE A 333 -10.56 -5.43 18.09
C PHE A 333 -9.51 -5.72 19.15
N GLY A 334 -9.83 -6.65 20.05
CA GLY A 334 -8.90 -7.04 21.08
C GLY A 334 -8.70 -6.05 22.20
N ARG A 335 -9.77 -5.34 22.57
CA ARG A 335 -9.67 -4.37 23.66
C ARG A 335 -10.77 -4.63 24.70
N LYS A 336 -10.66 -3.95 25.83
CA LYS A 336 -11.62 -4.09 26.93
C LYS A 336 -12.11 -5.54 27.08
N ARG A 337 -11.18 -6.48 27.04
CA ARG A 337 -11.55 -7.88 27.19
C ARG A 337 -10.94 -8.76 26.12
ZN ZN B . 1.92 6.46 -1.52
N1A ACO C . 16.44 6.91 -10.82
C2A ACO C . 17.16 6.70 -9.72
N3A ACO C . 16.71 7.03 -8.52
C4A ACO C . 15.51 7.60 -8.38
C5A ACO C . 14.73 7.86 -9.50
C6A ACO C . 15.24 7.49 -10.75
N6A ACO C . 14.54 7.75 -11.85
N7A ACO C . 13.61 8.43 -9.08
C8A ACO C . 13.67 8.54 -7.76
N9A ACO C . 14.83 8.03 -7.32
C1B ACO C . 15.24 7.92 -5.90
C2B ACO C . 16.29 8.98 -5.56
O2B ACO C . 17.53 8.63 -6.16
C3B ACO C . 16.34 8.71 -4.05
O3B ACO C . 17.11 7.53 -3.84
P3B ACO C . 18.70 7.61 -4.06
O7A ACO C . 19.01 9.19 -4.25
O8A ACO C . 19.37 7.17 -2.66
O9A ACO C . 19.17 6.81 -5.21
C4B ACO C . 14.86 8.44 -3.74
O4B ACO C . 14.20 8.31 -5.01
C5B ACO C . 14.21 9.56 -2.91
O5B ACO C . 14.53 9.44 -1.52
P1A ACO C . 15.09 10.73 -0.74
O1A ACO C . 13.97 11.60 -0.31
O2A ACO C . 16.19 11.34 -1.53
O3A ACO C . 15.74 10.10 0.60
P2A ACO C . 16.78 11.05 1.39
O4A ACO C . 16.01 12.04 2.19
O5A ACO C . 17.81 11.52 0.44
O6A ACO C . 17.48 10.02 2.43
CBP ACO C . 15.45 9.06 3.41
CCP ACO C . 16.83 9.68 3.66
CDP ACO C . 14.46 10.15 2.98
CEP ACO C . 14.95 8.40 4.70
CAP ACO C . 15.57 7.98 2.32
OAP ACO C . 16.34 6.90 2.83
C9P ACO C . 14.16 7.49 1.98
O9P ACO C . 13.47 6.88 2.80
N8P ACO C . 13.75 7.80 0.75
C7P ACO C . 12.43 7.43 0.23
C6P ACO C . 12.57 7.10 -1.26
C5P ACO C . 11.27 7.42 -2.02
O5P ACO C . 10.29 6.68 -1.96
N4P ACO C . 11.33 8.56 -2.72
C3P ACO C . 10.23 9.08 -3.55
C2P ACO C . 8.95 8.25 -3.47
S1P ACO C . 7.53 9.23 -4.09
C ACO C . 6.16 8.35 -3.46
O ACO C . 6.31 7.47 -2.62
CH3 ACO C . 4.76 8.73 -3.96
C PYR D . 2.23 6.66 -4.53
O PYR D . 2.03 6.68 -5.75
OXT PYR D . 1.58 7.33 -3.69
CA PYR D . 3.37 5.78 -3.99
O3 PYR D . 3.69 5.84 -2.81
CB PYR D . 4.04 4.92 -4.86
#